data_1GKM
#
_entry.id   1GKM
#
_cell.length_a   79.267
_cell.length_b   116.788
_cell.length_c   129.532
_cell.angle_alpha   90.00
_cell.angle_beta   90.00
_cell.angle_gamma   90.00
#
_symmetry.space_group_name_H-M   'I 2 2 2'
#
loop_
_entity.id
_entity.type
_entity.pdbx_description
1 polymer 'Histidine ammonia-lyase'
2 non-polymer CYSTEINE
3 non-polymer 'SULFATE ION'
4 non-polymer GLYCEROL
5 water water
#
_entity_poly.entity_id   1
_entity_poly.type   'polypeptide(L)'
_entity_poly.pdbx_seq_one_letter_code
;TELTLKPGTLTLAQLRAIHAAPVRLQLDASAAPAIDASVACVEQIIAEDRTAYGINTGFGLLASTRIASHDLENLQRSLV
LSHAAGIGAPLDDDLVRLIMVLKINSLSRGFSGIRRKVIDALIALVNAEVYPHIPLKGSVG(ZRF)DLAPLAHMSLVLLG
EGKARYKGQWLSATEALAVAGLEPLTLAAKEGLALLNGTQASTAYALRGLFYAEDLYAAAIACGGLSVEAVLGSRSPFDA
RIHEARGQRGQIDTAACFRDLLGDSSEVSLSHKNADKVQDPYSLRCQPQVMGACLTQLRQAAEVLGIEANAVSDNPLVFA
AEGDVISGGNFHAEPVAMAADNLALAIAEIGSLSERRISLMMDKHMSQLPPFLVENGGVNSGFMIAQVTAAALASENKAL
SHPHSVDSLPTSANQEDHVSMAPAAGKRLWEMAENTRGVLAIEWLGACQGLDLRKGLKTSAKLEKARQALRSEVAHYDRD
RFFAPDIEKAVELLAKGSLTGLLPAGVLPSL
;
_entity_poly.pdbx_strand_id   B
#
loop_
_chem_comp.id
_chem_comp.type
_chem_comp.name
_chem_comp.formula
GOL non-polymer GLYCEROL 'C3 H8 O3'
SO4 non-polymer 'SULFATE ION' 'O4 S -2'
#
# COMPACT_ATOMS: atom_id res chain seq x y z
N THR A 1 16.44 5.95 -6.00
CA THR A 1 16.48 5.02 -7.13
C THR A 1 16.53 5.76 -8.44
N GLU A 2 17.35 5.18 -9.32
CA GLU A 2 17.49 5.76 -10.69
C GLU A 2 16.92 4.79 -11.69
N LEU A 3 15.91 5.17 -12.43
CA LEU A 3 15.14 4.28 -13.24
C LEU A 3 15.08 4.71 -14.70
N THR A 4 15.45 3.79 -15.60
CA THR A 4 15.21 4.00 -17.02
C THR A 4 14.01 3.11 -17.35
N LEU A 5 12.87 3.76 -17.42
CA LEU A 5 11.59 3.07 -17.41
C LEU A 5 11.22 2.46 -18.76
N LYS A 6 11.04 1.12 -18.77
CA LYS A 6 10.40 0.43 -19.90
C LYS A 6 8.92 0.38 -19.52
N PRO A 7 8.08 1.18 -20.11
CA PRO A 7 6.69 1.30 -19.62
C PRO A 7 6.00 -0.05 -19.60
N GLY A 8 5.21 -0.20 -18.53
CA GLY A 8 4.42 -1.42 -18.40
C GLY A 8 5.16 -2.57 -17.74
N THR A 9 6.40 -2.34 -17.29
CA THR A 9 7.21 -3.40 -16.71
C THR A 9 7.57 -3.15 -15.25
N LEU A 10 6.92 -2.19 -14.58
CA LEU A 10 7.30 -1.94 -13.18
C LEU A 10 6.97 -3.18 -12.34
N THR A 11 7.92 -3.54 -11.48
CA THR A 11 7.70 -4.65 -10.53
C THR A 11 7.18 -4.11 -9.22
N LEU A 12 6.65 -5.04 -8.40
CA LEU A 12 6.20 -4.59 -7.05
C LEU A 12 7.36 -4.10 -6.22
N ALA A 13 8.54 -4.69 -6.35
CA ALA A 13 9.70 -4.15 -5.60
C ALA A 13 10.01 -2.73 -6.04
N GLN A 14 9.95 -2.47 -7.36
CA GLN A 14 10.20 -1.10 -7.81
C GLN A 14 9.13 -0.13 -7.27
N LEU A 15 7.86 -0.59 -7.25
CA LEU A 15 6.79 0.26 -6.73
C LEU A 15 6.99 0.53 -5.25
N ARG A 16 7.42 -0.46 -4.46
CA ARG A 16 7.74 -0.19 -3.07
C ARG A 16 8.82 0.85 -2.95
N ALA A 17 9.87 0.74 -3.79
CA ALA A 17 10.96 1.70 -3.68
C ALA A 17 10.50 3.11 -4.03
N ILE A 18 9.63 3.25 -5.06
CA ILE A 18 9.06 4.56 -5.43
C ILE A 18 8.24 5.14 -4.29
N HIS A 19 7.44 4.26 -3.65
CA HIS A 19 6.62 4.68 -2.51
C HIS A 19 7.48 5.12 -1.33
N ALA A 20 8.65 4.47 -1.19
CA ALA A 20 9.48 4.71 0.02
C ALA A 20 10.38 5.93 -0.08
N ALA A 21 10.79 6.35 -1.28
CA ALA A 21 11.89 7.31 -1.37
C ALA A 21 11.83 7.97 -2.74
N PRO A 22 12.51 9.12 -2.86
CA PRO A 22 12.53 9.84 -4.14
C PRO A 22 13.11 8.99 -5.27
N VAL A 23 12.76 9.41 -6.49
CA VAL A 23 13.20 8.69 -7.66
C VAL A 23 13.69 9.74 -8.69
N ARG A 24 14.59 9.25 -9.50
CA ARG A 24 14.98 9.92 -10.74
C ARG A 24 14.72 8.98 -11.91
N LEU A 25 13.92 9.43 -12.85
CA LEU A 25 13.54 8.50 -13.92
C LEU A 25 13.67 9.25 -15.27
N GLN A 26 13.80 8.41 -16.30
CA GLN A 26 13.68 8.80 -17.69
C GLN A 26 13.06 7.65 -18.45
N LEU A 27 12.46 7.92 -19.58
CA LEU A 27 11.95 6.81 -20.39
C LEU A 27 13.05 6.11 -21.12
N ASP A 28 12.95 4.80 -21.20
CA ASP A 28 13.79 4.03 -22.14
C ASP A 28 13.49 4.48 -23.57
N ALA A 29 14.55 4.44 -24.40
CA ALA A 29 14.35 4.76 -25.84
C ALA A 29 13.27 3.95 -26.52
N SER A 30 13.08 2.73 -26.05
CA SER A 30 12.09 1.86 -26.66
C SER A 30 10.68 2.33 -26.42
N ALA A 31 10.42 3.28 -25.54
CA ALA A 31 9.11 3.83 -25.31
C ALA A 31 8.66 4.82 -26.38
N ALA A 32 9.63 5.50 -27.02
CA ALA A 32 9.27 6.58 -27.95
C ALA A 32 8.37 6.16 -29.08
N PRO A 33 8.60 5.02 -29.75
CA PRO A 33 7.78 4.71 -30.94
C PRO A 33 6.28 4.73 -30.66
N ALA A 34 5.85 4.00 -29.64
CA ALA A 34 4.39 3.89 -29.48
C ALA A 34 3.80 5.19 -28.96
N ILE A 35 4.53 5.90 -28.09
CA ILE A 35 4.02 7.19 -27.61
C ILE A 35 3.79 8.11 -28.80
N ASP A 36 4.83 8.24 -29.64
CA ASP A 36 4.71 9.24 -30.74
C ASP A 36 3.72 8.75 -31.78
N ALA A 37 3.56 7.44 -31.96
CA ALA A 37 2.69 6.94 -32.98
C ALA A 37 1.21 7.16 -32.59
N SER A 38 0.87 7.08 -31.30
CA SER A 38 -0.56 7.34 -31.00
C SER A 38 -0.81 8.84 -31.10
N VAL A 39 0.16 9.71 -30.81
CA VAL A 39 -0.03 11.14 -31.10
C VAL A 39 -0.23 11.34 -32.59
N ALA A 40 0.59 10.68 -33.41
CA ALA A 40 0.41 10.87 -34.87
C ALA A 40 -0.95 10.39 -35.34
N CYS A 41 -1.51 9.36 -34.74
CA CYS A 41 -2.84 8.90 -35.10
C CYS A 41 -3.86 9.96 -34.76
N VAL A 42 -3.80 10.57 -33.57
CA VAL A 42 -4.66 11.68 -33.21
C VAL A 42 -4.49 12.86 -34.21
N GLU A 43 -3.24 13.18 -34.54
CA GLU A 43 -2.99 14.28 -35.45
C GLU A 43 -3.57 13.99 -36.82
N GLN A 44 -3.56 12.72 -37.26
CA GLN A 44 -4.08 12.33 -38.58
C GLN A 44 -5.59 12.45 -38.59
N ILE A 45 -6.26 12.09 -37.48
CA ILE A 45 -7.71 12.27 -37.41
C ILE A 45 -8.09 13.72 -37.58
N ILE A 46 -7.34 14.61 -36.90
CA ILE A 46 -7.63 16.05 -36.97
C ILE A 46 -7.29 16.58 -38.35
N ALA A 47 -6.14 16.19 -38.93
CA ALA A 47 -5.73 16.69 -40.25
C ALA A 47 -6.76 16.25 -41.32
N GLU A 48 -7.42 15.09 -41.14
CA GLU A 48 -8.31 14.45 -42.10
C GLU A 48 -9.74 14.91 -41.88
N ASP A 49 -10.02 15.78 -40.92
CA ASP A 49 -11.31 16.31 -40.55
C ASP A 49 -12.28 15.19 -40.24
N ARG A 50 -11.75 14.18 -39.61
CA ARG A 50 -12.59 13.08 -39.14
C ARG A 50 -13.10 13.42 -37.75
N THR A 51 -14.17 12.73 -37.34
CA THR A 51 -14.60 13.01 -35.97
C THR A 51 -14.53 11.74 -35.12
N ALA A 52 -13.92 11.92 -33.93
CA ALA A 52 -13.68 10.80 -33.04
C ALA A 52 -14.01 11.26 -31.62
N TYR A 53 -14.98 10.59 -31.03
CA TYR A 53 -15.35 10.80 -29.61
C TYR A 53 -14.12 10.76 -28.72
N GLY A 54 -13.93 11.82 -27.89
CA GLY A 54 -12.88 11.86 -26.91
C GLY A 54 -11.57 12.27 -27.54
N ILE A 55 -11.56 12.59 -28.85
CA ILE A 55 -10.37 13.15 -29.50
C ILE A 55 -10.69 14.58 -29.85
N ASN A 56 -11.66 14.78 -30.73
CA ASN A 56 -11.89 16.14 -31.26
C ASN A 56 -13.39 16.47 -31.19
N THR A 57 -14.13 15.77 -30.32
CA THR A 57 -15.56 16.08 -30.09
C THR A 57 -15.70 16.93 -28.83
N GLY A 58 -16.91 17.44 -28.61
CA GLY A 58 -17.32 17.91 -27.29
C GLY A 58 -17.83 16.66 -26.55
N PHE A 59 -18.59 16.94 -25.53
CA PHE A 59 -19.28 15.99 -24.68
C PHE A 59 -20.76 16.30 -24.80
N GLY A 60 -21.60 15.35 -24.41
CA GLY A 60 -23.02 15.78 -24.41
C GLY A 60 -23.61 16.11 -25.77
N LEU A 61 -24.24 17.28 -25.94
CA LEU A 61 -24.91 17.66 -27.18
C LEU A 61 -23.95 17.40 -28.34
N LEU A 62 -22.71 17.79 -28.11
CA LEU A 62 -21.59 17.73 -29.03
C LEU A 62 -20.78 16.45 -29.04
N ALA A 63 -21.19 15.33 -28.45
CA ALA A 63 -20.39 14.12 -28.30
C ALA A 63 -19.97 13.53 -29.64
N SER A 64 -20.76 13.67 -30.69
CA SER A 64 -20.20 13.36 -32.02
C SER A 64 -20.35 14.63 -32.88
N THR A 65 -19.94 15.74 -32.28
CA THR A 65 -19.88 17.07 -32.92
C THR A 65 -18.40 17.43 -32.96
N ARG A 66 -17.85 17.51 -34.18
CA ARG A 66 -16.43 17.83 -34.24
C ARG A 66 -16.24 19.29 -33.91
N ILE A 67 -15.82 19.61 -32.67
CA ILE A 67 -15.73 21.07 -32.46
C ILE A 67 -14.41 21.62 -33.01
N ALA A 68 -14.36 22.91 -33.30
CA ALA A 68 -13.21 23.61 -33.88
C ALA A 68 -11.96 23.68 -33.02
N SER A 69 -10.77 23.89 -33.57
CA SER A 69 -9.49 23.90 -32.91
C SER A 69 -9.42 24.57 -31.55
N HIS A 70 -9.62 25.85 -31.66
CA HIS A 70 -9.84 26.87 -30.66
C HIS A 70 -10.55 26.39 -29.42
N ASP A 71 -11.77 25.92 -29.69
CA ASP A 71 -12.58 25.38 -28.59
C ASP A 71 -11.86 24.15 -28.04
N LEU A 72 -11.06 23.48 -28.88
CA LEU A 72 -10.53 22.22 -28.35
C LEU A 72 -9.38 22.33 -27.38
N GLU A 73 -8.45 23.24 -27.62
CA GLU A 73 -7.44 23.60 -26.65
C GLU A 73 -8.11 24.07 -25.34
N ASN A 74 -9.04 25.01 -25.46
CA ASN A 74 -9.66 25.57 -24.24
C ASN A 74 -10.42 24.47 -23.53
N LEU A 75 -11.04 23.54 -24.27
CA LEU A 75 -11.77 22.44 -23.68
C LEU A 75 -10.87 21.60 -22.75
N GLN A 76 -9.61 21.40 -23.13
CA GLN A 76 -8.71 20.63 -22.24
C GLN A 76 -8.55 21.36 -20.89
N ARG A 77 -8.38 22.66 -20.94
CA ARG A 77 -8.17 23.41 -19.71
C ARG A 77 -9.42 23.42 -18.85
N SER A 78 -10.56 23.63 -19.47
CA SER A 78 -11.83 23.61 -18.77
C SER A 78 -12.08 22.26 -18.09
N LEU A 79 -11.72 21.15 -18.78
CA LEU A 79 -11.85 19.86 -18.14
C LEU A 79 -11.00 19.77 -16.89
N VAL A 80 -9.71 20.14 -16.97
CA VAL A 80 -8.85 20.00 -15.76
C VAL A 80 -9.37 20.86 -14.62
N LEU A 81 -9.73 22.12 -14.90
CA LEU A 81 -10.18 23.02 -13.84
C LEU A 81 -11.47 22.54 -13.15
N SER A 82 -12.45 22.21 -13.98
CA SER A 82 -13.74 21.79 -13.45
C SER A 82 -13.69 20.43 -12.75
N HIS A 83 -12.78 19.58 -13.20
CA HIS A 83 -12.66 18.23 -12.64
C HIS A 83 -11.85 18.22 -11.35
N ALA A 84 -11.10 19.30 -11.04
CA ALA A 84 -10.33 19.38 -9.83
C ALA A 84 -11.27 19.87 -8.75
N ALA A 85 -12.09 18.88 -8.29
CA ALA A 85 -13.22 19.13 -7.38
C ALA A 85 -13.10 18.18 -6.17
N GLY A 86 -11.86 17.83 -5.80
CA GLY A 86 -11.66 16.98 -4.63
C GLY A 86 -11.61 17.78 -3.38
N ILE A 87 -11.61 17.04 -2.25
CA ILE A 87 -11.76 17.65 -0.92
C ILE A 87 -11.01 16.80 0.06
N GLY A 88 -10.66 17.39 1.22
CA GLY A 88 -9.99 16.59 2.27
C GLY A 88 -8.52 16.91 2.32
N ALA A 89 -7.88 16.18 3.24
CA ALA A 89 -6.50 16.45 3.54
C ALA A 89 -5.61 16.23 2.33
N PRO A 90 -4.50 16.98 2.22
CA PRO A 90 -3.56 16.72 1.14
C PRO A 90 -2.88 15.39 1.33
N LEU A 91 -2.68 14.70 0.17
CA LEU A 91 -1.87 13.49 0.24
C LEU A 91 -0.43 13.85 0.59
N ASP A 92 0.24 12.91 1.25
CA ASP A 92 1.67 13.12 1.48
C ASP A 92 2.45 12.94 0.19
N ASP A 93 3.67 13.52 0.18
CA ASP A 93 4.46 13.56 -1.03
C ASP A 93 4.81 12.16 -1.52
N ASP A 94 5.03 11.18 -0.66
CA ASP A 94 5.38 9.83 -1.14
C ASP A 94 4.25 9.27 -2.02
N LEU A 95 3.01 9.51 -1.58
CA LEU A 95 1.88 8.99 -2.33
C LEU A 95 1.66 9.76 -3.62
N VAL A 96 1.83 11.08 -3.57
CA VAL A 96 1.74 11.88 -4.78
C VAL A 96 2.79 11.38 -5.82
N ARG A 97 4.02 11.14 -5.33
CA ARG A 97 5.06 10.65 -6.22
C ARG A 97 4.64 9.33 -6.87
N LEU A 98 4.10 8.39 -6.08
CA LEU A 98 3.66 7.14 -6.63
C LEU A 98 2.58 7.33 -7.70
N ILE A 99 1.59 8.19 -7.39
CA ILE A 99 0.55 8.47 -8.39
C ILE A 99 1.16 9.02 -9.69
N MET A 100 2.08 10.00 -9.55
CA MET A 100 2.70 10.57 -10.76
C MET A 100 3.41 9.50 -11.56
N VAL A 101 4.22 8.66 -10.89
CA VAL A 101 4.95 7.62 -11.61
C VAL A 101 4.01 6.62 -12.26
N LEU A 102 2.92 6.22 -11.58
CA LEU A 102 1.96 5.32 -12.20
C LEU A 102 1.34 5.98 -13.45
N LYS A 103 1.04 7.28 -13.37
CA LYS A 103 0.45 7.94 -14.54
C LYS A 103 1.48 7.99 -15.70
N ILE A 104 2.70 8.36 -15.39
CA ILE A 104 3.78 8.33 -16.39
C ILE A 104 3.85 6.95 -17.04
N ASN A 105 3.87 5.93 -16.20
CA ASN A 105 4.02 4.56 -16.71
C ASN A 105 2.89 4.18 -17.67
N SER A 106 1.66 4.44 -17.24
CA SER A 106 0.51 4.08 -18.06
C SER A 106 0.49 4.84 -19.37
N LEU A 107 0.69 6.15 -19.32
CA LEU A 107 0.67 6.96 -20.55
C LEU A 107 1.80 6.53 -21.48
N SER A 108 2.94 6.15 -20.91
CA SER A 108 4.11 5.87 -21.72
C SER A 108 4.03 4.56 -22.46
N ARG A 109 2.98 3.77 -22.24
CA ARG A 109 2.76 2.58 -23.05
C ARG A 109 2.27 2.91 -24.45
N GLY A 110 1.85 4.14 -24.71
CA GLY A 110 1.62 4.55 -26.09
C GLY A 110 0.20 4.32 -26.63
N PHE A 111 -0.79 4.04 -25.79
CA PHE A 111 -2.15 3.87 -26.22
C PHE A 111 -3.03 5.08 -25.95
N SER A 112 -2.45 6.20 -25.49
CA SER A 112 -3.29 7.28 -25.00
C SER A 112 -3.30 8.50 -25.89
N GLY A 113 -2.37 8.65 -26.85
CA GLY A 113 -2.38 9.80 -27.73
C GLY A 113 -1.93 11.13 -27.16
N ILE A 114 -1.17 11.07 -26.05
CA ILE A 114 -0.66 12.27 -25.39
C ILE A 114 0.80 12.52 -25.77
N ARG A 115 1.15 13.76 -26.00
CA ARG A 115 2.50 14.11 -26.43
C ARG A 115 3.53 13.64 -25.41
N ARG A 116 4.67 13.14 -25.95
CA ARG A 116 5.80 12.80 -25.11
C ARG A 116 6.25 13.99 -24.28
N LYS A 117 6.16 15.21 -24.78
CA LYS A 117 6.53 16.38 -24.01
C LYS A 117 5.74 16.52 -22.72
N VAL A 118 4.45 16.12 -22.74
CA VAL A 118 3.62 16.26 -21.53
C VAL A 118 4.04 15.18 -20.53
N ILE A 119 4.27 13.96 -21.01
CA ILE A 119 4.80 12.92 -20.14
C ILE A 119 6.13 13.36 -19.50
N ASP A 120 7.01 13.96 -20.36
CA ASP A 120 8.31 14.38 -19.82
C ASP A 120 8.17 15.52 -18.84
N ALA A 121 7.12 16.34 -18.90
CA ALA A 121 6.92 17.35 -17.89
C ALA A 121 6.56 16.69 -16.55
N LEU A 122 5.72 15.65 -16.56
CA LEU A 122 5.45 14.92 -15.30
C LEU A 122 6.73 14.31 -14.76
N ILE A 123 7.53 13.73 -15.67
CA ILE A 123 8.85 13.18 -15.23
C ILE A 123 9.72 14.25 -14.61
N ALA A 124 9.75 15.43 -15.22
CA ALA A 124 10.56 16.53 -14.64
C ALA A 124 10.12 16.90 -13.24
N LEU A 125 8.80 16.88 -13.01
CA LEU A 125 8.31 17.17 -11.64
C LEU A 125 8.77 16.13 -10.66
N VAL A 126 8.61 14.87 -11.03
CA VAL A 126 9.13 13.80 -10.16
C VAL A 126 10.60 13.97 -9.86
N ASN A 127 11.40 14.21 -10.94
CA ASN A 127 12.83 14.29 -10.75
C ASN A 127 13.27 15.47 -9.89
N ALA A 128 12.50 16.55 -9.97
CA ALA A 128 12.77 17.76 -9.18
C ALA A 128 12.23 17.67 -7.74
N GLU A 129 11.47 16.59 -7.43
CA GLU A 129 10.85 16.40 -6.11
C GLU A 129 9.86 17.52 -5.86
N VAL A 130 9.04 17.80 -6.90
CA VAL A 130 7.99 18.81 -6.81
C VAL A 130 6.65 18.07 -6.93
N TYR A 131 5.86 18.16 -5.89
CA TYR A 131 4.69 17.24 -5.76
C TYR A 131 3.41 18.00 -5.73
N PRO A 132 2.62 17.98 -6.79
CA PRO A 132 1.35 18.69 -6.80
C PRO A 132 0.47 18.38 -5.57
N HIS A 133 -0.25 19.38 -5.12
CA HIS A 133 -1.33 19.11 -4.14
C HIS A 133 -2.37 18.20 -4.71
N ILE A 134 -2.71 17.13 -3.97
CA ILE A 134 -3.79 16.24 -4.35
C ILE A 134 -4.61 16.02 -3.08
N PRO A 135 -5.89 16.37 -3.04
CA PRO A 135 -6.70 16.11 -1.86
C PRO A 135 -7.11 14.64 -1.79
N LEU A 136 -7.34 14.16 -0.56
CA LEU A 136 -7.57 12.75 -0.36
C LEU A 136 -8.85 12.20 -0.97
N LYS A 137 -9.94 12.97 -0.92
CA LYS A 137 -11.26 12.42 -1.22
C LYS A 137 -11.85 13.01 -2.48
N GLY A 138 -12.79 12.24 -3.03
CA GLY A 138 -13.62 12.68 -4.14
C GLY A 138 -13.77 11.65 -5.23
N SER A 139 -12.72 10.84 -5.47
CA SER A 139 -12.85 9.84 -6.51
C SER A 139 -13.73 8.68 -6.08
N VAL A 140 -14.54 8.19 -7.04
CA VAL A 140 -15.30 6.95 -6.89
C VAL A 140 -14.66 5.84 -7.70
N GLY A 141 -13.45 6.08 -8.25
CA GLY A 141 -12.79 4.99 -8.95
C GLY A 141 -13.51 4.58 -10.23
CB ZRF A 142 -15.94 4.99 -12.37
CA1 ZRF A 142 -14.42 5.28 -12.38
N1 ZRF A 142 -13.92 5.54 -11.03
C1 ZRF A 142 -14.03 6.31 -13.36
N2 ZRF A 142 -14.85 6.91 -14.21
CA2 ZRF A 142 -14.07 7.69 -14.99
CB2 ZRF A 142 -14.42 8.27 -16.18
O1 ZRF A 142 -15.33 8.86 -16.70
C2 ZRF A 142 -12.69 7.58 -14.60
O2 ZRF A 142 -11.64 8.06 -15.07
N3 ZRF A 142 -12.76 6.73 -13.55
CA3 ZRF A 142 -11.59 6.47 -12.74
C3 ZRF A 142 -11.39 7.59 -11.72
O3 ZRF A 142 -12.35 7.98 -11.06
N ASP A 143 -10.18 8.05 -11.58
CA ASP A 143 -9.80 8.98 -10.50
C ASP A 143 -9.72 10.42 -10.97
N LEU A 144 -10.87 10.89 -11.53
CA LEU A 144 -10.91 12.18 -12.22
C LEU A 144 -10.39 13.29 -11.35
N ALA A 145 -10.94 13.42 -10.11
CA ALA A 145 -10.61 14.60 -9.30
C ALA A 145 -9.15 14.60 -8.87
N PRO A 146 -8.61 13.54 -8.25
CA PRO A 146 -7.20 13.66 -7.81
C PRO A 146 -6.28 13.84 -9.01
N LEU A 147 -6.56 13.15 -10.13
CA LEU A 147 -5.70 13.33 -11.30
C LEU A 147 -5.84 14.72 -11.92
N ALA A 148 -7.00 15.34 -11.82
CA ALA A 148 -7.15 16.73 -12.25
C ALA A 148 -6.34 17.64 -11.37
N HIS A 149 -6.39 17.45 -10.04
CA HIS A 149 -5.57 18.27 -9.16
C HIS A 149 -4.10 18.14 -9.49
N MET A 150 -3.63 16.93 -9.72
CA MET A 150 -2.22 16.75 -10.11
C MET A 150 -1.93 17.55 -11.36
N SER A 151 -2.81 17.44 -12.34
CA SER A 151 -2.61 18.04 -13.67
C SER A 151 -2.68 19.53 -13.68
N LEU A 152 -3.38 20.13 -12.70
CA LEU A 152 -3.42 21.62 -12.59
C LEU A 152 -2.04 22.18 -12.69
N VAL A 153 -1.08 21.56 -12.02
CA VAL A 153 0.27 22.21 -11.92
C VAL A 153 0.89 22.28 -13.30
N LEU A 154 0.65 21.31 -14.19
CA LEU A 154 1.16 21.36 -15.55
C LEU A 154 0.70 22.59 -16.29
N LEU A 155 -0.51 23.05 -16.00
CA LEU A 155 -1.10 24.22 -16.62
C LEU A 155 -0.75 25.51 -15.90
N GLY A 156 0.04 25.47 -14.81
CA GLY A 156 0.35 26.63 -14.01
C GLY A 156 -0.79 27.01 -13.05
N GLU A 157 -1.62 26.07 -12.64
CA GLU A 157 -2.66 26.22 -11.66
C GLU A 157 -2.45 25.31 -10.49
N GLY A 158 -3.29 25.48 -9.43
CA GLY A 158 -3.10 24.64 -8.26
C GLY A 158 -1.85 25.02 -7.48
N LYS A 159 -1.24 24.09 -6.79
CA LYS A 159 -0.02 24.37 -6.00
C LYS A 159 0.74 23.08 -5.90
N ALA A 160 2.00 23.16 -5.47
CA ALA A 160 2.82 21.95 -5.34
C ALA A 160 3.76 22.14 -4.16
N ARG A 161 4.15 21.01 -3.58
CA ARG A 161 5.06 21.00 -2.43
C ARG A 161 6.47 20.76 -2.86
N TYR A 162 7.41 21.56 -2.34
CA TYR A 162 8.84 21.38 -2.60
C TYR A 162 9.59 21.61 -1.33
N LYS A 163 10.41 20.68 -0.92
CA LYS A 163 11.10 20.71 0.39
C LYS A 163 10.17 21.05 1.52
N GLY A 164 9.01 20.45 1.47
CA GLY A 164 8.02 20.50 2.55
C GLY A 164 7.21 21.78 2.56
N GLN A 165 7.38 22.68 1.60
CA GLN A 165 6.66 23.95 1.59
C GLN A 165 5.76 24.08 0.35
N TRP A 166 4.60 24.68 0.49
CA TRP A 166 3.73 24.93 -0.65
C TRP A 166 4.23 26.06 -1.51
N LEU A 167 4.33 25.84 -2.82
CA LEU A 167 4.73 26.81 -3.82
C LEU A 167 3.54 27.02 -4.75
N SER A 168 3.44 28.19 -5.38
CA SER A 168 2.51 28.41 -6.47
C SER A 168 2.92 27.49 -7.61
N ALA A 169 1.96 27.18 -8.49
CA ALA A 169 2.32 26.29 -9.59
C ALA A 169 3.38 26.91 -10.45
N THR A 170 3.39 28.22 -10.69
CA THR A 170 4.44 28.73 -11.56
C THR A 170 5.80 28.62 -10.89
N GLU A 171 5.93 28.87 -9.59
CA GLU A 171 7.24 28.70 -8.91
C GLU A 171 7.63 27.22 -8.96
N ALA A 172 6.66 26.33 -8.78
CA ALA A 172 6.93 24.88 -8.73
C ALA A 172 7.44 24.39 -10.09
N LEU A 173 6.78 24.85 -11.17
CA LEU A 173 7.22 24.48 -12.51
C LEU A 173 8.66 24.96 -12.73
N ALA A 174 8.96 26.18 -12.28
CA ALA A 174 10.29 26.78 -12.50
C ALA A 174 11.35 25.96 -11.76
N VAL A 175 11.04 25.49 -10.55
CA VAL A 175 11.96 24.61 -9.85
C VAL A 175 12.31 23.40 -10.72
N ALA A 176 11.27 22.89 -11.43
CA ALA A 176 11.50 21.71 -12.27
C ALA A 176 11.99 22.06 -13.68
N GLY A 177 12.21 23.36 -13.91
CA GLY A 177 12.78 23.65 -15.23
C GLY A 177 11.72 23.77 -16.32
N LEU A 178 10.47 23.97 -15.91
CA LEU A 178 9.33 23.96 -16.79
C LEU A 178 8.63 25.31 -16.85
N GLU A 179 7.87 25.56 -17.93
CA GLU A 179 6.89 26.64 -17.88
C GLU A 179 5.52 26.00 -18.14
N PRO A 180 4.45 26.72 -17.86
CA PRO A 180 3.09 26.18 -18.02
C PRO A 180 2.89 25.63 -19.43
N LEU A 181 2.17 24.51 -19.53
CA LEU A 181 1.86 23.93 -20.80
C LEU A 181 0.42 24.20 -21.23
N THR A 182 0.19 24.13 -22.51
CA THR A 182 -1.14 24.12 -23.11
C THR A 182 -1.41 22.72 -23.61
N LEU A 183 -2.53 22.13 -23.24
CA LEU A 183 -2.86 20.73 -23.64
C LEU A 183 -3.49 20.74 -25.04
N ALA A 184 -3.35 19.59 -25.69
CA ALA A 184 -3.87 19.32 -27.01
C ALA A 184 -5.02 18.31 -26.95
N ALA A 185 -5.61 18.03 -28.10
CA ALA A 185 -6.69 17.00 -28.24
C ALA A 185 -6.30 15.73 -27.51
N LYS A 186 -7.31 15.19 -26.79
CA LYS A 186 -7.25 13.94 -26.04
C LYS A 186 -6.42 14.06 -24.76
N GLU A 187 -5.60 15.10 -24.56
CA GLU A 187 -4.69 15.09 -23.45
C GLU A 187 -5.41 15.30 -22.10
N GLY A 188 -6.45 16.14 -22.08
CA GLY A 188 -7.20 16.26 -20.81
C GLY A 188 -7.75 14.92 -20.35
N LEU A 189 -8.36 14.13 -21.23
CA LEU A 189 -8.85 12.81 -20.86
C LEU A 189 -7.71 11.85 -20.55
N ALA A 190 -6.57 11.93 -21.29
CA ALA A 190 -5.51 11.01 -20.98
C ALA A 190 -4.98 11.23 -19.57
N LEU A 191 -4.91 12.50 -19.13
CA LEU A 191 -4.42 12.82 -17.79
C LEU A 191 -5.46 12.48 -16.71
N LEU A 192 -6.72 12.80 -16.97
CA LEU A 192 -7.73 12.69 -15.89
C LEU A 192 -8.34 11.33 -15.76
N ASN A 193 -8.54 10.59 -16.89
CA ASN A 193 -9.12 9.26 -16.78
C ASN A 193 -8.03 8.31 -16.35
N GLY A 194 -8.36 7.38 -15.48
CA GLY A 194 -7.37 6.35 -15.10
C GLY A 194 -7.63 5.89 -13.68
N THR A 195 -6.84 4.89 -13.30
CA THR A 195 -6.99 4.27 -11.97
C THR A 195 -5.80 4.50 -11.09
N GLN A 196 -4.95 5.47 -11.39
CA GLN A 196 -3.69 5.56 -10.65
C GLN A 196 -3.83 5.96 -9.20
N ALA A 197 -4.80 6.83 -8.84
CA ALA A 197 -4.96 7.15 -7.42
C ALA A 197 -5.47 5.93 -6.65
N SER A 198 -6.51 5.29 -7.19
CA SER A 198 -7.03 4.06 -6.57
C SER A 198 -5.93 3.03 -6.38
N THR A 199 -5.12 2.85 -7.45
CA THR A 199 -4.08 1.85 -7.38
C THR A 199 -3.02 2.24 -6.37
N ALA A 200 -2.60 3.51 -6.33
CA ALA A 200 -1.62 3.93 -5.35
C ALA A 200 -2.13 3.74 -3.92
N TYR A 201 -3.40 4.08 -3.69
CA TYR A 201 -3.93 3.94 -2.32
C TYR A 201 -3.87 2.49 -1.88
N ALA A 202 -4.24 1.57 -2.79
CA ALA A 202 -4.23 0.14 -2.47
C ALA A 202 -2.83 -0.41 -2.37
N LEU A 203 -1.89 0.05 -3.23
CA LEU A 203 -0.50 -0.39 -3.12
C LEU A 203 0.07 0.01 -1.77
N ARG A 204 -0.22 1.24 -1.28
CA ARG A 204 0.24 1.59 0.05
C ARG A 204 -0.29 0.60 1.08
N GLY A 205 -1.59 0.27 0.96
CA GLY A 205 -2.16 -0.78 1.83
C GLY A 205 -1.45 -2.10 1.75
N LEU A 206 -1.11 -2.52 0.53
CA LEU A 206 -0.34 -3.78 0.33
C LEU A 206 0.99 -3.67 1.05
N PHE A 207 1.74 -2.57 0.82
CA PHE A 207 3.08 -2.50 1.41
C PHE A 207 2.99 -2.54 2.93
N TYR A 208 2.00 -1.83 3.49
CA TYR A 208 1.78 -1.91 4.93
C TYR A 208 1.45 -3.34 5.39
N ALA A 209 0.56 -4.00 4.67
CA ALA A 209 0.18 -5.38 5.03
C ALA A 209 1.41 -6.30 5.03
N GLU A 210 2.27 -6.12 4.02
CA GLU A 210 3.50 -6.92 3.95
C GLU A 210 4.42 -6.60 5.14
N ASP A 211 4.61 -5.32 5.45
CA ASP A 211 5.44 -4.93 6.57
C ASP A 211 4.91 -5.58 7.86
N LEU A 212 3.57 -5.55 8.02
CA LEU A 212 2.97 -6.12 9.22
C LEU A 212 3.08 -7.63 9.26
N TYR A 213 2.90 -8.31 8.10
CA TYR A 213 3.11 -9.74 8.05
C TYR A 213 4.51 -10.06 8.56
N ALA A 214 5.54 -9.37 7.99
CA ALA A 214 6.91 -9.69 8.38
C ALA A 214 7.11 -9.49 9.87
N ALA A 215 6.62 -8.34 10.40
CA ALA A 215 6.80 -8.09 11.81
C ALA A 215 6.08 -9.15 12.66
N ALA A 216 4.91 -9.61 12.20
CA ALA A 216 4.13 -10.58 12.94
C ALA A 216 4.80 -11.95 12.98
N ILE A 217 5.55 -12.35 11.99
CA ILE A 217 6.28 -13.61 12.09
C ILE A 217 7.30 -13.51 13.24
N ALA A 218 8.04 -12.38 13.28
CA ALA A 218 9.04 -12.21 14.35
C ALA A 218 8.37 -12.09 15.71
N CYS A 219 7.30 -11.27 15.82
CA CYS A 219 6.64 -11.13 17.11
C CYS A 219 6.03 -12.43 17.56
N GLY A 220 5.38 -13.17 16.64
CA GLY A 220 4.80 -14.44 17.04
C GLY A 220 5.84 -15.44 17.44
N GLY A 221 7.01 -15.45 16.77
CA GLY A 221 8.10 -16.33 17.22
C GLY A 221 8.58 -15.97 18.63
N LEU A 222 8.70 -14.67 18.92
CA LEU A 222 9.06 -14.25 20.28
C LEU A 222 8.02 -14.72 21.30
N SER A 223 6.72 -14.58 20.95
CA SER A 223 5.69 -14.96 21.91
C SER A 223 5.70 -16.49 22.14
N VAL A 224 5.88 -17.28 21.07
CA VAL A 224 6.04 -18.73 21.25
C VAL A 224 7.11 -18.98 22.30
N GLU A 225 8.27 -18.34 22.11
CA GLU A 225 9.39 -18.60 23.04
C GLU A 225 9.06 -18.13 24.46
N ALA A 226 8.44 -16.96 24.57
CA ALA A 226 8.16 -16.39 25.89
C ALA A 226 7.32 -17.31 26.74
N VAL A 227 6.37 -18.01 26.13
CA VAL A 227 5.44 -18.88 26.90
C VAL A 227 5.82 -20.36 26.76
N LEU A 228 7.03 -20.63 26.29
CA LEU A 228 7.52 -22.02 26.27
C LEU A 228 6.70 -22.87 25.31
N GLY A 229 6.32 -22.28 24.20
CA GLY A 229 5.59 -23.00 23.19
C GLY A 229 6.45 -23.96 22.36
N SER A 230 5.78 -24.78 21.61
CA SER A 230 6.41 -25.80 20.82
C SER A 230 6.74 -25.35 19.41
N ARG A 231 7.81 -25.96 18.85
CA ARG A 231 8.12 -25.83 17.42
C ARG A 231 7.45 -26.87 16.55
N SER A 232 6.90 -27.94 17.13
CA SER A 232 6.28 -28.97 16.34
C SER A 232 5.16 -28.45 15.41
N PRO A 233 4.37 -27.45 15.80
CA PRO A 233 3.35 -26.96 14.84
C PRO A 233 3.88 -26.45 13.53
N PHE A 234 5.15 -26.12 13.47
CA PHE A 234 5.74 -25.55 12.27
C PHE A 234 6.34 -26.61 11.37
N ASP A 235 6.29 -27.90 11.78
CA ASP A 235 6.90 -28.98 11.02
C ASP A 235 6.39 -28.94 9.57
N ALA A 236 7.32 -29.01 8.61
CA ALA A 236 6.95 -28.89 7.19
C ALA A 236 5.94 -29.95 6.79
N ARG A 237 5.98 -31.13 7.37
CA ARG A 237 5.10 -32.19 6.90
C ARG A 237 3.62 -31.86 7.14
N ILE A 238 3.33 -31.14 8.24
CA ILE A 238 1.94 -30.77 8.51
C ILE A 238 1.41 -29.89 7.38
N HIS A 239 2.25 -28.95 6.96
CA HIS A 239 1.82 -27.91 6.01
C HIS A 239 1.77 -28.49 4.61
N GLU A 240 2.73 -29.36 4.25
CA GLU A 240 2.66 -30.04 2.97
C GLU A 240 1.38 -30.84 2.85
N ALA A 241 0.97 -31.52 3.96
CA ALA A 241 -0.21 -32.36 3.95
C ALA A 241 -1.50 -31.56 3.75
N ARG A 242 -1.53 -30.28 4.21
CA ARG A 242 -2.69 -29.46 3.87
C ARG A 242 -2.63 -28.98 2.41
N GLY A 243 -1.45 -28.53 1.97
CA GLY A 243 -1.26 -28.16 0.60
C GLY A 243 -1.50 -26.70 0.27
N GLN A 244 -1.88 -25.88 1.27
CA GLN A 244 -2.06 -24.46 1.07
C GLN A 244 -0.69 -23.78 0.96
N ARG A 245 -0.41 -23.11 -0.14
CA ARG A 245 0.88 -22.47 -0.35
C ARG A 245 1.19 -21.38 0.65
N GLY A 246 0.20 -20.54 0.98
CA GLY A 246 0.50 -19.45 1.89
C GLY A 246 1.00 -20.01 3.23
N GLN A 247 0.31 -21.03 3.72
CA GLN A 247 0.66 -21.71 4.96
C GLN A 247 2.01 -22.42 4.89
N ILE A 248 2.29 -23.09 3.79
CA ILE A 248 3.61 -23.72 3.62
C ILE A 248 4.71 -22.69 3.75
N ASP A 249 4.56 -21.57 3.03
CA ASP A 249 5.63 -20.56 3.02
C ASP A 249 5.72 -19.89 4.39
N THR A 250 4.57 -19.67 5.02
CA THR A 250 4.55 -19.07 6.37
C THR A 250 5.24 -19.96 7.40
N ALA A 251 4.92 -21.27 7.40
CA ALA A 251 5.61 -22.17 8.33
C ALA A 251 7.09 -22.18 8.04
N ALA A 252 7.53 -22.11 6.77
CA ALA A 252 8.94 -22.08 6.47
C ALA A 252 9.58 -20.82 7.07
N CYS A 253 8.89 -19.69 7.04
CA CYS A 253 9.41 -18.49 7.68
C CYS A 253 9.54 -18.66 9.20
N PHE A 254 8.54 -19.23 9.85
CA PHE A 254 8.66 -19.48 11.28
C PHE A 254 9.86 -20.41 11.58
N ARG A 255 10.03 -21.47 10.80
CA ARG A 255 11.18 -22.37 11.05
C ARG A 255 12.46 -21.61 10.88
N ASP A 256 12.54 -20.77 9.85
CA ASP A 256 13.79 -20.01 9.65
C ASP A 256 14.07 -19.11 10.84
N LEU A 257 13.06 -18.41 11.34
CA LEU A 257 13.36 -17.49 12.45
C LEU A 257 13.58 -18.26 13.76
N LEU A 258 12.80 -19.29 14.05
CA LEU A 258 12.89 -20.01 15.33
C LEU A 258 14.06 -20.99 15.38
N GLY A 259 14.40 -21.58 14.27
CA GLY A 259 15.36 -22.70 14.25
C GLY A 259 14.78 -23.93 14.92
N ASP A 260 15.58 -25.00 14.92
CA ASP A 260 15.12 -26.26 15.47
C ASP A 260 14.95 -26.23 16.98
N SER A 261 15.73 -25.40 17.67
CA SER A 261 15.69 -25.30 19.13
C SER A 261 16.45 -24.03 19.49
N SER A 262 16.29 -23.60 20.73
CA SER A 262 17.02 -22.45 21.28
C SER A 262 17.40 -22.76 22.71
N GLU A 263 18.24 -21.89 23.31
CA GLU A 263 18.52 -22.08 24.75
C GLU A 263 17.25 -22.11 25.55
N VAL A 264 16.31 -21.18 25.28
CA VAL A 264 15.05 -21.18 26.03
C VAL A 264 14.28 -22.48 25.84
N SER A 265 14.17 -22.94 24.60
CA SER A 265 13.37 -24.14 24.38
C SER A 265 14.01 -25.39 24.95
N LEU A 266 15.35 -25.47 24.91
CA LEU A 266 16.06 -26.63 25.45
C LEU A 266 16.03 -26.64 26.96
N SER A 267 16.01 -25.46 27.57
CA SER A 267 16.09 -25.27 29.02
C SER A 267 14.74 -25.73 29.61
N HIS A 268 13.71 -25.95 28.85
CA HIS A 268 12.35 -26.34 29.24
C HIS A 268 11.91 -27.66 28.65
N LYS A 269 12.97 -28.23 27.98
CA LYS A 269 13.06 -29.49 27.22
C LYS A 269 11.80 -29.80 26.41
N ASN A 270 11.39 -31.08 26.43
CA ASN A 270 10.15 -31.52 25.78
C ASN A 270 8.99 -30.80 26.49
N ALA A 271 9.32 -29.66 27.16
CA ALA A 271 8.20 -28.57 27.41
C ALA A 271 6.76 -28.97 27.10
N ASP A 272 6.54 -29.15 25.79
CA ASP A 272 5.30 -29.57 25.15
C ASP A 272 4.23 -30.45 25.92
N LYS A 273 4.52 -31.08 27.10
CA LYS A 273 3.52 -31.90 27.88
C LYS A 273 2.00 -31.39 27.80
N VAL A 274 1.76 -30.03 27.64
CA VAL A 274 0.40 -29.32 27.47
C VAL A 274 0.29 -28.52 26.11
N GLN A 275 -0.47 -28.97 25.05
CA GLN A 275 -0.77 -28.46 23.72
C GLN A 275 -0.84 -26.95 23.78
N ASP A 276 -0.28 -26.32 22.74
CA ASP A 276 -0.32 -24.85 22.70
C ASP A 276 -1.64 -24.34 22.23
N PRO A 277 -2.02 -23.15 22.70
CA PRO A 277 -3.25 -22.53 22.16
C PRO A 277 -3.13 -22.22 20.68
N TYR A 278 -4.30 -22.08 20.07
CA TYR A 278 -4.37 -21.85 18.60
C TYR A 278 -3.64 -20.60 18.17
N SER A 279 -3.65 -19.55 19.00
CA SER A 279 -2.97 -18.31 18.59
C SER A 279 -1.48 -18.51 18.37
N LEU A 280 -0.92 -19.59 18.95
CA LEU A 280 0.44 -20.03 18.63
C LEU A 280 0.46 -21.10 17.56
N ARG A 281 -0.24 -22.23 17.82
CA ARG A 281 -0.12 -23.43 17.01
C ARG A 281 -0.79 -23.34 15.62
N CYS A 282 -1.75 -22.41 15.51
CA CYS A 282 -2.42 -22.19 14.22
C CYS A 282 -1.86 -20.96 13.52
N GLN A 283 -0.69 -20.46 13.94
CA GLN A 283 -0.09 -19.35 13.19
C GLN A 283 0.15 -19.71 11.74
N PRO A 284 0.65 -20.89 11.36
CA PRO A 284 0.86 -21.11 9.92
C PRO A 284 -0.46 -21.02 9.17
N GLN A 285 -1.52 -21.55 9.74
CA GLN A 285 -2.80 -21.62 9.07
C GLN A 285 -3.43 -20.24 8.90
N VAL A 286 -3.40 -19.44 9.99
CA VAL A 286 -4.03 -18.11 9.94
C VAL A 286 -3.16 -17.14 9.18
N MET A 287 -1.86 -17.07 9.53
CA MET A 287 -0.96 -16.16 8.82
C MET A 287 -0.78 -16.59 7.37
N GLY A 288 -0.86 -17.90 7.09
CA GLY A 288 -0.79 -18.36 5.71
C GLY A 288 -2.00 -17.91 4.91
N ALA A 289 -3.19 -17.98 5.53
CA ALA A 289 -4.39 -17.46 4.81
C ALA A 289 -4.19 -15.98 4.50
N CYS A 290 -3.63 -15.22 5.46
CA CYS A 290 -3.34 -13.81 5.24
C CYS A 290 -2.34 -13.60 4.10
N LEU A 291 -1.30 -14.44 4.04
CA LEU A 291 -0.30 -14.32 2.98
C LEU A 291 -0.97 -14.58 1.61
N THR A 292 -1.80 -15.62 1.53
CA THR A 292 -2.47 -15.86 0.23
C THR A 292 -3.30 -14.67 -0.14
N GLN A 293 -4.07 -14.11 0.78
CA GLN A 293 -4.88 -12.94 0.51
C GLN A 293 -4.05 -11.77 -0.01
N LEU A 294 -2.93 -11.50 0.65
CA LEU A 294 -2.13 -10.39 0.17
C LEU A 294 -1.49 -10.68 -1.18
N ARG A 295 -1.15 -11.93 -1.43
CA ARG A 295 -0.63 -12.28 -2.75
C ARG A 295 -1.69 -12.13 -3.83
N GLN A 296 -2.94 -12.51 -3.55
CA GLN A 296 -4.10 -12.27 -4.41
CA GLN A 296 -3.99 -12.37 -4.61
C GLN A 296 -4.19 -10.83 -4.86
N ALA A 297 -4.20 -10.04 -3.82
CA ALA A 297 -4.32 -8.59 -4.07
C ALA A 297 -3.12 -8.06 -4.82
N ALA A 298 -1.91 -8.50 -4.44
CA ALA A 298 -0.73 -8.00 -5.09
C ALA A 298 -0.69 -8.33 -6.56
N GLU A 299 -1.18 -9.51 -6.93
CA GLU A 299 -1.17 -9.87 -8.37
C GLU A 299 -2.03 -8.86 -9.15
N VAL A 300 -3.22 -8.57 -8.63
CA VAL A 300 -4.10 -7.61 -9.28
C VAL A 300 -3.51 -6.20 -9.33
N LEU A 301 -2.96 -5.76 -8.19
CA LEU A 301 -2.40 -4.42 -8.11
C LEU A 301 -1.12 -4.26 -8.96
N GLY A 302 -0.30 -5.30 -9.00
CA GLY A 302 0.91 -5.18 -9.83
C GLY A 302 0.56 -5.09 -11.31
N ILE A 303 -0.47 -5.80 -11.76
CA ILE A 303 -0.96 -5.60 -13.13
C ILE A 303 -1.48 -4.18 -13.28
N GLU A 304 -2.32 -3.74 -12.32
CA GLU A 304 -2.96 -2.43 -12.50
C GLU A 304 -1.94 -1.29 -12.55
N ALA A 305 -0.85 -1.43 -11.81
CA ALA A 305 0.20 -0.40 -11.84
C ALA A 305 0.75 -0.20 -13.26
N ASN A 306 0.67 -1.23 -14.08
CA ASN A 306 1.16 -1.20 -15.45
C ASN A 306 0.08 -1.04 -16.49
N ALA A 307 -1.18 -0.89 -16.08
CA ALA A 307 -2.32 -0.92 -16.99
C ALA A 307 -2.46 0.39 -17.78
N VAL A 308 -2.98 0.24 -19.00
CA VAL A 308 -3.53 1.39 -19.75
C VAL A 308 -4.98 1.59 -19.27
N SER A 309 -5.23 2.67 -18.54
CA SER A 309 -6.45 2.83 -17.80
C SER A 309 -7.24 4.09 -18.20
N ASP A 310 -6.78 4.84 -19.20
CA ASP A 310 -7.53 6.01 -19.68
C ASP A 310 -8.52 5.55 -20.76
N ASN A 311 -9.10 6.52 -21.45
CA ASN A 311 -10.15 6.26 -22.45
C ASN A 311 -10.38 7.53 -23.24
N PRO A 312 -10.79 7.49 -24.47
CA PRO A 312 -10.72 6.34 -25.35
C PRO A 312 -9.27 5.96 -25.63
N LEU A 313 -9.10 4.72 -26.09
CA LEU A 313 -7.72 4.24 -26.37
C LEU A 313 -7.44 4.34 -27.85
N VAL A 314 -6.18 4.61 -28.14
CA VAL A 314 -5.71 4.84 -29.51
C VAL A 314 -4.85 3.65 -29.91
N PHE A 315 -5.30 2.99 -30.97
CA PHE A 315 -4.61 1.80 -31.51
C PHE A 315 -4.00 2.19 -32.84
N ALA A 316 -2.84 2.81 -32.80
CA ALA A 316 -2.22 3.42 -33.99
C ALA A 316 -1.93 2.33 -35.01
N ALA A 317 -1.68 1.07 -34.60
CA ALA A 317 -1.27 0.06 -35.58
C ALA A 317 -2.40 -0.20 -36.53
N GLU A 318 -3.67 -0.12 -36.06
CA GLU A 318 -4.86 -0.34 -36.90
C GLU A 318 -5.51 0.98 -37.35
N GLY A 319 -5.16 2.09 -36.70
CA GLY A 319 -5.73 3.38 -36.99
C GLY A 319 -7.06 3.66 -36.32
N ASP A 320 -7.39 2.92 -35.27
CA ASP A 320 -8.66 2.86 -34.57
C ASP A 320 -8.55 3.63 -33.25
N VAL A 321 -9.61 4.34 -32.87
CA VAL A 321 -9.80 4.92 -31.52
C VAL A 321 -11.06 4.27 -30.98
N ILE A 322 -10.98 3.66 -29.80
CA ILE A 322 -12.08 2.87 -29.28
C ILE A 322 -12.40 3.32 -27.86
N SER A 323 -13.65 3.50 -27.58
CA SER A 323 -14.12 3.79 -26.23
C SER A 323 -14.55 2.54 -25.52
N GLY A 324 -13.89 2.31 -24.40
CA GLY A 324 -14.24 1.20 -23.51
C GLY A 324 -14.35 1.74 -22.08
N GLY A 325 -13.87 0.90 -21.15
CA GLY A 325 -14.16 1.12 -19.73
C GLY A 325 -13.01 0.87 -18.78
N ASN A 326 -11.74 0.98 -19.20
CA ASN A 326 -10.64 0.57 -18.34
C ASN A 326 -10.43 1.49 -17.12
N PHE A 327 -11.09 2.66 -17.12
CA PHE A 327 -11.03 3.53 -15.97
C PHE A 327 -11.81 2.99 -14.77
N HIS A 328 -12.63 1.94 -14.98
CA HIS A 328 -13.41 1.38 -13.87
C HIS A 328 -12.50 0.56 -12.99
N ALA A 329 -12.33 1.00 -11.74
CA ALA A 329 -11.35 0.40 -10.83
C ALA A 329 -11.90 -0.72 -10.00
N GLU A 330 -12.97 -1.40 -10.44
CA GLU A 330 -13.48 -2.56 -9.70
C GLU A 330 -12.41 -3.53 -9.20
N PRO A 331 -11.45 -3.99 -10.03
CA PRO A 331 -10.50 -4.99 -9.50
C PRO A 331 -9.66 -4.42 -8.37
N VAL A 332 -9.33 -3.11 -8.43
CA VAL A 332 -8.58 -2.49 -7.35
C VAL A 332 -9.40 -2.43 -6.06
N ALA A 333 -10.67 -2.08 -6.19
CA ALA A 333 -11.54 -2.02 -5.00
C ALA A 333 -11.59 -3.37 -4.31
N MET A 334 -11.76 -4.45 -5.11
CA MET A 334 -11.80 -5.79 -4.52
C MET A 334 -10.45 -6.19 -3.93
N ALA A 335 -9.36 -5.85 -4.60
CA ALA A 335 -8.03 -6.14 -4.03
C ALA A 335 -7.86 -5.46 -2.67
N ALA A 336 -8.31 -4.21 -2.57
CA ALA A 336 -8.21 -3.50 -1.28
C ALA A 336 -9.08 -4.15 -0.22
N ASP A 337 -10.33 -4.50 -0.57
CA ASP A 337 -11.17 -5.21 0.41
C ASP A 337 -10.55 -6.54 0.82
N ASN A 338 -9.85 -7.22 -0.09
CA ASN A 338 -9.17 -8.45 0.24
C ASN A 338 -8.06 -8.18 1.26
N LEU A 339 -7.28 -7.12 1.01
CA LEU A 339 -6.21 -6.77 1.93
C LEU A 339 -6.74 -6.45 3.34
N ALA A 340 -7.93 -5.90 3.42
CA ALA A 340 -8.50 -5.59 4.74
C ALA A 340 -8.60 -6.85 5.57
N LEU A 341 -9.02 -7.97 4.96
CA LEU A 341 -9.15 -9.23 5.73
C LEU A 341 -7.79 -9.62 6.32
N ALA A 342 -6.73 -9.51 5.49
CA ALA A 342 -5.41 -9.87 5.94
C ALA A 342 -4.93 -8.95 7.07
N ILE A 343 -5.08 -7.64 6.91
CA ILE A 343 -4.61 -6.74 7.96
C ILE A 343 -5.36 -6.99 9.27
N ALA A 344 -6.69 -7.18 9.15
CA ALA A 344 -7.50 -7.45 10.34
C ALA A 344 -7.04 -8.72 11.03
N GLU A 345 -6.86 -9.81 10.27
CA GLU A 345 -6.58 -11.10 10.95
C GLU A 345 -5.15 -11.18 11.46
N ILE A 346 -4.18 -10.50 10.80
CA ILE A 346 -2.86 -10.41 11.43
C ILE A 346 -2.98 -9.81 12.82
N GLY A 347 -3.74 -8.72 12.91
CA GLY A 347 -3.94 -8.05 14.20
C GLY A 347 -4.70 -8.87 15.20
N SER A 348 -5.75 -9.58 14.75
CA SER A 348 -6.55 -10.39 15.69
C SER A 348 -5.72 -11.46 16.31
N LEU A 349 -4.90 -12.15 15.52
CA LEU A 349 -4.13 -13.27 16.04
C LEU A 349 -3.06 -12.75 17.04
N SER A 350 -2.44 -11.61 16.69
CA SER A 350 -1.47 -10.99 17.60
C SER A 350 -2.13 -10.60 18.93
N GLU A 351 -3.32 -9.99 18.86
CA GLU A 351 -4.01 -9.61 20.08
C GLU A 351 -4.28 -10.83 20.94
N ARG A 352 -4.61 -11.97 20.35
CA ARG A 352 -4.83 -13.18 21.17
C ARG A 352 -3.51 -13.65 21.76
N ARG A 353 -2.39 -13.52 21.08
CA ARG A 353 -1.11 -13.90 21.68
C ARG A 353 -0.77 -12.97 22.86
N ILE A 354 -1.07 -11.68 22.73
CA ILE A 354 -0.90 -10.78 23.88
C ILE A 354 -1.73 -11.26 25.04
N SER A 355 -3.00 -11.59 24.76
CA SER A 355 -3.90 -12.06 25.84
C SER A 355 -3.36 -13.31 26.49
N LEU A 356 -2.81 -14.23 25.72
CA LEU A 356 -2.20 -15.42 26.26
C LEU A 356 -1.06 -15.08 27.20
N MET A 357 -0.18 -14.14 26.80
CA MET A 357 0.95 -13.77 27.63
C MET A 357 0.54 -13.16 28.92
N MET A 358 -0.67 -12.54 28.98
CA MET A 358 -1.13 -11.87 30.20
C MET A 358 -1.77 -12.79 31.19
N ASP A 359 -2.07 -14.02 30.76
CA ASP A 359 -2.86 -15.02 31.48
C ASP A 359 -1.93 -15.97 32.19
N LYS A 360 -1.82 -15.82 33.50
CA LYS A 360 -0.89 -16.67 34.24
C LYS A 360 -1.16 -18.16 34.13
N HIS A 361 -2.38 -18.53 33.81
CA HIS A 361 -2.65 -19.98 33.74
C HIS A 361 -2.15 -20.52 32.42
N MET A 362 -1.89 -19.63 31.47
CA MET A 362 -1.45 -20.10 30.15
C MET A 362 -0.01 -19.71 29.81
N SER A 363 0.54 -18.69 30.44
CA SER A 363 1.80 -18.12 30.00
C SER A 363 3.01 -18.70 30.68
N GLN A 364 2.83 -19.34 31.81
CA GLN A 364 3.98 -19.72 32.67
C GLN A 364 4.84 -18.49 32.97
N LEU A 365 4.23 -17.33 33.08
CA LEU A 365 4.88 -16.07 33.44
C LEU A 365 4.10 -15.39 34.54
N PRO A 366 4.63 -14.41 35.26
CA PRO A 366 3.78 -13.70 36.27
C PRO A 366 2.62 -12.99 35.61
N PRO A 367 1.48 -12.79 36.33
CA PRO A 367 0.35 -12.11 35.71
C PRO A 367 0.79 -10.72 35.24
N PHE A 368 0.35 -10.34 34.08
CA PHE A 368 0.55 -9.05 33.47
C PHE A 368 2.04 -8.75 33.28
N LEU A 369 2.88 -9.80 33.33
CA LEU A 369 4.31 -9.69 32.90
C LEU A 369 5.14 -8.79 33.81
N VAL A 370 4.74 -8.69 35.11
CA VAL A 370 5.45 -7.79 36.03
C VAL A 370 5.67 -8.54 37.29
N GLU A 371 6.85 -8.24 37.88
CA GLU A 371 7.02 -8.74 39.24
C GLU A 371 6.33 -7.85 40.28
N ASN A 372 5.96 -8.30 41.48
CA ASN A 372 5.19 -7.59 42.50
C ASN A 372 3.76 -7.25 42.08
N GLY A 373 2.96 -8.16 41.57
CA GLY A 373 1.74 -7.95 40.83
C GLY A 373 0.47 -7.62 41.58
N GLY A 374 0.50 -7.40 42.91
CA GLY A 374 -0.79 -6.92 43.44
C GLY A 374 -0.72 -5.43 43.77
N VAL A 375 0.50 -4.94 43.51
CA VAL A 375 0.93 -3.55 43.66
C VAL A 375 1.32 -2.92 42.34
N ASN A 376 1.57 -3.74 41.36
CA ASN A 376 1.92 -3.26 40.02
C ASN A 376 0.94 -3.88 39.02
N SER A 377 0.56 -3.05 38.06
CA SER A 377 -0.38 -3.49 37.01
C SER A 377 0.33 -3.97 35.77
N GLY A 378 1.61 -3.59 35.57
CA GLY A 378 2.32 -4.13 34.44
C GLY A 378 1.64 -3.84 33.12
N PHE A 379 1.48 -4.86 32.27
CA PHE A 379 0.99 -4.73 30.92
C PHE A 379 -0.56 -4.76 30.84
N MET A 380 -1.25 -4.74 31.97
CA MET A 380 -2.70 -4.89 31.95
C MET A 380 -3.40 -3.93 31.01
N ILE A 381 -3.06 -2.65 30.99
CA ILE A 381 -3.78 -1.70 30.16
C ILE A 381 -3.20 -1.64 28.76
N ALA A 382 -1.91 -1.93 28.60
CA ALA A 382 -1.43 -2.11 27.21
C ALA A 382 -2.22 -3.19 26.49
N GLN A 383 -2.58 -4.28 27.19
CA GLN A 383 -3.38 -5.31 26.57
C GLN A 383 -4.77 -4.78 26.15
N VAL A 384 -5.36 -3.92 26.99
CA VAL A 384 -6.63 -3.30 26.63
C VAL A 384 -6.48 -2.43 25.38
N THR A 385 -5.39 -1.68 25.27
CA THR A 385 -5.17 -0.87 24.07
C THR A 385 -5.13 -1.78 22.85
N ALA A 386 -4.43 -2.92 22.93
CA ALA A 386 -4.38 -3.83 21.80
C ALA A 386 -5.79 -4.34 21.45
N ALA A 387 -6.61 -4.65 22.44
CA ALA A 387 -7.99 -5.06 22.17
C ALA A 387 -8.76 -3.97 21.43
N ALA A 388 -8.62 -2.72 21.87
CA ALA A 388 -9.34 -1.64 21.21
C ALA A 388 -8.93 -1.54 19.75
N LEU A 389 -7.63 -1.60 19.47
CA LEU A 389 -7.15 -1.45 18.10
C LEU A 389 -7.63 -2.62 17.22
N ALA A 390 -7.53 -3.85 17.75
CA ALA A 390 -7.94 -5.00 16.98
C ALA A 390 -9.45 -4.93 16.69
N SER A 391 -10.23 -4.51 17.69
CA SER A 391 -11.68 -4.47 17.48
C SER A 391 -12.06 -3.48 16.37
N GLU A 392 -11.40 -2.32 16.34
CA GLU A 392 -11.77 -1.33 15.34
C GLU A 392 -11.71 -1.91 13.93
N ASN A 393 -10.74 -2.81 13.73
CA ASN A 393 -10.55 -3.39 12.41
C ASN A 393 -11.71 -4.24 11.94
N LYS A 394 -12.56 -4.73 12.81
CA LYS A 394 -13.73 -5.51 12.34
C LYS A 394 -14.68 -4.65 11.54
N ALA A 395 -15.09 -3.50 12.11
CA ALA A 395 -15.97 -2.61 11.33
C ALA A 395 -15.23 -2.09 10.10
N LEU A 396 -13.96 -1.76 10.24
CA LEU A 396 -13.23 -1.19 9.11
C LEU A 396 -13.08 -2.19 7.96
N SER A 397 -13.24 -3.49 8.24
CA SER A 397 -13.17 -4.50 7.19
C SER A 397 -14.44 -4.52 6.31
N HIS A 398 -15.49 -3.79 6.64
CA HIS A 398 -16.67 -3.85 5.77
C HIS A 398 -16.27 -3.41 4.35
N PRO A 399 -16.70 -4.15 3.33
CA PRO A 399 -16.19 -3.84 1.99
C PRO A 399 -16.80 -2.57 1.41
N HIS A 400 -15.94 -1.83 0.69
CA HIS A 400 -16.42 -0.70 -0.12
C HIS A 400 -16.75 -1.11 -1.55
N SER A 401 -16.18 -2.22 -2.03
CA SER A 401 -16.38 -2.59 -3.43
C SER A 401 -17.81 -3.00 -3.74
N VAL A 402 -18.64 -3.21 -2.73
CA VAL A 402 -20.02 -3.59 -2.93
C VAL A 402 -20.95 -2.42 -3.03
N ASP A 403 -20.44 -1.16 -2.87
CA ASP A 403 -21.31 0.00 -2.99
C ASP A 403 -21.07 0.70 -4.32
N SER A 404 -22.13 1.39 -4.75
CA SER A 404 -22.06 2.28 -5.92
C SER A 404 -23.26 3.17 -5.89
N LEU A 405 -23.07 4.38 -6.45
CA LEU A 405 -24.09 5.36 -6.66
C LEU A 405 -24.00 5.79 -8.15
N PRO A 406 -25.12 6.00 -8.84
CA PRO A 406 -25.05 6.49 -10.23
C PRO A 406 -24.82 7.97 -10.19
N THR A 407 -23.80 8.42 -10.89
CA THR A 407 -23.40 9.85 -11.01
C THR A 407 -23.74 10.34 -12.42
N SER A 408 -23.93 11.65 -12.72
CA SER A 408 -24.22 12.14 -14.13
C SER A 408 -25.23 11.32 -14.86
N ALA A 409 -26.42 11.92 -14.73
CA ALA A 409 -27.71 11.47 -15.30
C ALA A 409 -27.58 10.04 -15.74
N ASN A 410 -27.48 9.21 -14.76
CA ASN A 410 -27.29 7.78 -14.98
C ASN A 410 -26.30 7.32 -16.08
N GLN A 411 -25.52 8.14 -16.77
CA GLN A 411 -24.51 7.41 -17.61
C GLN A 411 -23.35 6.65 -16.95
N GLU A 412 -22.86 7.33 -15.85
CA GLU A 412 -21.88 6.86 -14.86
C GLU A 412 -22.73 6.11 -13.85
N ASP A 413 -23.23 4.95 -14.29
CA ASP A 413 -24.28 4.28 -13.52
C ASP A 413 -23.78 3.17 -12.62
N HIS A 414 -22.48 2.84 -12.68
CA HIS A 414 -21.86 1.89 -11.75
C HIS A 414 -20.42 2.26 -11.64
N VAL A 415 -19.96 2.41 -10.39
CA VAL A 415 -18.60 2.83 -10.08
C VAL A 415 -18.01 1.86 -9.05
N SER A 416 -16.72 2.01 -8.76
CA SER A 416 -16.03 0.98 -7.93
C SER A 416 -15.91 1.27 -6.46
N MET A 417 -15.79 2.54 -6.09
CA MET A 417 -15.42 2.96 -4.70
C MET A 417 -14.03 2.44 -4.31
N ALA A 418 -13.16 2.26 -5.31
CA ALA A 418 -11.81 1.80 -4.98
C ALA A 418 -11.04 2.77 -4.08
N PRO A 419 -11.11 4.09 -4.24
CA PRO A 419 -10.32 4.97 -3.36
C PRO A 419 -10.65 4.73 -1.89
N ALA A 420 -11.94 4.72 -1.54
CA ALA A 420 -12.31 4.50 -0.14
C ALA A 420 -11.81 3.13 0.33
N ALA A 421 -11.89 2.11 -0.54
CA ALA A 421 -11.45 0.78 -0.16
C ALA A 421 -9.98 0.77 0.22
N GLY A 422 -9.14 1.43 -0.62
CA GLY A 422 -7.72 1.45 -0.34
C GLY A 422 -7.34 2.31 0.84
N LYS A 423 -7.92 3.50 0.93
CA LYS A 423 -7.54 4.46 2.00
C LYS A 423 -7.79 3.85 3.38
N ARG A 424 -8.89 3.11 3.57
CA ARG A 424 -9.17 2.63 4.94
C ARG A 424 -8.10 1.61 5.36
N LEU A 425 -7.36 1.03 4.43
CA LEU A 425 -6.30 0.07 4.83
C LEU A 425 -5.23 0.78 5.62
N TRP A 426 -5.02 2.07 5.41
CA TRP A 426 -3.94 2.77 6.08
C TRP A 426 -4.18 2.82 7.59
N GLU A 427 -5.45 3.11 7.97
CA GLU A 427 -5.80 3.15 9.39
C GLU A 427 -5.86 1.73 9.95
N MET A 428 -6.36 0.76 9.20
CA MET A 428 -6.31 -0.64 9.67
C MET A 428 -4.87 -1.01 9.99
N ALA A 429 -3.94 -0.61 9.12
CA ALA A 429 -2.54 -0.93 9.33
C ALA A 429 -1.99 -0.22 10.56
N GLU A 430 -2.40 1.02 10.85
CA GLU A 430 -2.01 1.64 12.11
C GLU A 430 -2.50 0.86 13.28
N ASN A 431 -3.74 0.35 13.22
CA ASN A 431 -4.29 -0.42 14.31
C ASN A 431 -3.48 -1.72 14.51
N THR A 432 -3.26 -2.48 13.43
CA THR A 432 -2.52 -3.73 13.57
C THR A 432 -1.07 -3.46 13.98
N ARG A 433 -0.47 -2.36 13.52
CA ARG A 433 0.91 -2.02 13.94
C ARG A 433 0.97 -1.77 15.44
N GLY A 434 -0.06 -1.11 15.97
CA GLY A 434 -0.08 -0.89 17.43
C GLY A 434 -0.22 -2.19 18.20
N VAL A 435 -1.07 -3.09 17.72
CA VAL A 435 -1.18 -4.42 18.36
C VAL A 435 0.15 -5.13 18.35
N LEU A 436 0.81 -5.17 17.19
CA LEU A 436 2.09 -5.86 17.10
C LEU A 436 3.15 -5.20 17.96
N ALA A 437 3.13 -3.87 18.09
CA ALA A 437 4.08 -3.18 18.95
C ALA A 437 3.94 -3.66 20.38
N ILE A 438 2.69 -3.78 20.84
CA ILE A 438 2.41 -4.27 22.17
C ILE A 438 2.83 -5.74 22.34
N GLU A 439 2.59 -6.55 21.33
CA GLU A 439 3.06 -7.93 21.40
C GLU A 439 4.59 -7.98 21.52
N TRP A 440 5.26 -7.17 20.69
CA TRP A 440 6.74 -7.11 20.72
C TRP A 440 7.22 -6.78 22.13
N LEU A 441 6.64 -5.71 22.68
CA LEU A 441 6.97 -5.32 24.06
C LEU A 441 6.72 -6.46 25.03
N GLY A 442 5.54 -7.10 24.94
CA GLY A 442 5.20 -8.15 25.91
C GLY A 442 6.12 -9.35 25.80
N ALA A 443 6.39 -9.82 24.60
CA ALA A 443 7.19 -11.03 24.47
C ALA A 443 8.64 -10.76 24.88
N CYS A 444 9.18 -9.58 24.61
CA CYS A 444 10.55 -9.27 25.07
C CYS A 444 10.59 -9.18 26.60
N GLN A 445 9.57 -8.58 27.21
CA GLN A 445 9.46 -8.56 28.66
C GLN A 445 9.41 -9.98 29.20
N GLY A 446 8.54 -10.82 28.61
CA GLY A 446 8.38 -12.19 29.15
C GLY A 446 9.69 -12.99 28.99
N LEU A 447 10.36 -12.84 27.85
CA LEU A 447 11.66 -13.53 27.70
C LEU A 447 12.68 -13.03 28.70
N ASP A 448 12.68 -11.75 29.02
CA ASP A 448 13.56 -11.22 30.03
C ASP A 448 13.36 -11.92 31.35
N LEU A 449 12.12 -12.23 31.68
CA LEU A 449 11.81 -12.89 32.94
C LEU A 449 12.26 -14.33 32.98
N ARG A 450 12.72 -14.88 31.87
CA ARG A 450 13.40 -16.20 31.87
C ARG A 450 14.87 -15.90 31.90
N LYS A 451 15.34 -15.64 33.09
CA LYS A 451 16.56 -14.92 33.33
C LYS A 451 17.74 -15.55 32.62
N GLY A 452 18.39 -14.70 31.85
CA GLY A 452 19.63 -15.03 31.17
C GLY A 452 19.47 -15.94 30.00
N LEU A 453 18.25 -16.32 29.59
CA LEU A 453 18.12 -17.25 28.48
C LEU A 453 17.91 -16.54 27.17
N LYS A 454 18.47 -17.14 26.12
CA LYS A 454 18.34 -16.62 24.79
C LYS A 454 17.45 -17.44 23.88
N THR A 455 16.77 -16.68 23.00
CA THR A 455 16.05 -17.33 21.89
C THR A 455 16.99 -17.46 20.70
N SER A 456 16.44 -17.61 19.51
CA SER A 456 17.22 -17.90 18.30
C SER A 456 17.97 -16.66 17.83
N ALA A 457 18.81 -16.86 16.79
CA ALA A 457 19.65 -15.75 16.35
C ALA A 457 18.85 -14.57 15.87
N LYS A 458 17.86 -14.84 14.97
CA LYS A 458 17.09 -13.71 14.45
C LYS A 458 16.14 -13.14 15.50
N LEU A 459 15.59 -13.98 16.40
CA LEU A 459 14.68 -13.43 17.41
C LEU A 459 15.48 -12.63 18.44
N GLU A 460 16.75 -13.00 18.72
CA GLU A 460 17.56 -12.13 19.59
C GLU A 460 17.79 -10.78 18.94
N LYS A 461 17.99 -10.74 17.58
CA LYS A 461 18.08 -9.46 16.92
C LYS A 461 16.82 -8.62 17.12
N ALA A 462 15.64 -9.23 17.10
CA ALA A 462 14.40 -8.51 17.40
C ALA A 462 14.38 -7.97 18.82
N ARG A 463 14.86 -8.76 19.77
CA ARG A 463 14.93 -8.28 21.20
C ARG A 463 15.88 -7.09 21.28
N GLN A 464 17.04 -7.20 20.66
CA GLN A 464 18.06 -6.13 20.73
C GLN A 464 17.51 -4.86 20.10
N ALA A 465 16.76 -5.01 18.97
CA ALA A 465 16.24 -3.81 18.34
C ALA A 465 15.31 -3.06 19.30
N LEU A 466 14.44 -3.79 19.98
CA LEU A 466 13.49 -3.11 20.88
C LEU A 466 14.24 -2.55 22.10
N ARG A 467 15.12 -3.35 22.66
CA ARG A 467 15.80 -2.92 23.92
C ARG A 467 16.77 -1.77 23.72
N SER A 468 17.12 -1.47 22.47
CA SER A 468 17.88 -0.25 22.17
C SER A 468 17.09 1.00 22.51
N GLU A 469 15.75 0.92 22.55
CA GLU A 469 14.93 2.08 22.78
C GLU A 469 14.05 1.95 24.04
N VAL A 470 13.66 0.72 24.41
CA VAL A 470 12.69 0.52 25.49
C VAL A 470 13.27 -0.49 26.48
N ALA A 471 13.34 -0.05 27.75
CA ALA A 471 13.90 -0.90 28.79
C ALA A 471 12.94 -1.98 29.28
N HIS A 472 13.48 -3.04 29.88
CA HIS A 472 12.73 -3.95 30.70
C HIS A 472 11.79 -3.19 31.65
N TYR A 473 10.58 -3.75 31.85
CA TYR A 473 9.58 -3.12 32.72
C TYR A 473 9.80 -3.69 34.11
N ASP A 474 10.49 -2.93 34.94
CA ASP A 474 10.94 -3.50 36.22
C ASP A 474 9.85 -3.20 37.22
N ARG A 475 9.10 -2.17 37.11
CA ARG A 475 8.14 -1.60 38.08
C ARG A 475 7.22 -0.65 37.34
N ASP A 476 6.00 -0.37 37.83
CA ASP A 476 5.08 0.47 37.04
C ASP A 476 5.71 1.81 36.74
N ARG A 477 5.59 2.25 35.49
CA ARG A 477 6.02 3.55 35.03
C ARG A 477 5.06 3.99 33.92
N PHE A 478 5.20 5.26 33.46
CA PHE A 478 4.33 5.74 32.40
C PHE A 478 4.45 4.84 31.17
N PHE A 479 3.36 4.18 30.81
CA PHE A 479 3.49 3.14 29.82
C PHE A 479 3.58 3.62 28.39
N ALA A 480 2.72 4.55 28.02
CA ALA A 480 2.53 4.92 26.60
C ALA A 480 3.81 5.25 25.84
N PRO A 481 4.81 5.94 26.37
CA PRO A 481 6.00 6.22 25.55
C PRO A 481 6.64 4.96 25.03
N ASP A 482 6.56 3.85 25.75
CA ASP A 482 7.13 2.58 25.30
C ASP A 482 6.41 2.07 24.06
N ILE A 483 5.07 2.17 24.11
CA ILE A 483 4.27 1.79 22.91
C ILE A 483 4.62 2.66 21.73
N GLU A 484 4.71 3.97 21.96
CA GLU A 484 5.05 4.88 20.87
C GLU A 484 6.36 4.51 20.23
N LYS A 485 7.37 4.22 21.06
CA LYS A 485 8.68 3.89 20.46
C LYS A 485 8.64 2.58 19.71
N ALA A 486 7.96 1.57 20.27
CA ALA A 486 7.85 0.30 19.54
C ALA A 486 7.11 0.49 18.20
N VAL A 487 6.06 1.28 18.19
CA VAL A 487 5.35 1.54 16.92
C VAL A 487 6.26 2.19 15.92
N GLU A 488 7.02 3.20 16.35
CA GLU A 488 7.91 3.90 15.40
C GLU A 488 8.96 2.93 14.84
N LEU A 489 9.52 2.07 15.71
CA LEU A 489 10.48 1.07 15.19
C LEU A 489 9.84 0.18 14.17
N LEU A 490 8.59 -0.29 14.41
CA LEU A 490 7.94 -1.11 13.40
C LEU A 490 7.68 -0.33 12.11
N ALA A 491 7.25 0.90 12.22
CA ALA A 491 6.94 1.73 11.02
C ALA A 491 8.16 1.98 10.19
N LYS A 492 9.35 2.01 10.82
CA LYS A 492 10.60 2.17 10.10
C LYS A 492 11.14 0.88 9.52
N GLY A 493 10.40 -0.23 9.68
CA GLY A 493 10.86 -1.49 9.11
C GLY A 493 11.91 -2.19 9.91
N SER A 494 11.98 -1.96 11.21
CA SER A 494 13.02 -2.61 12.03
C SER A 494 13.05 -4.11 11.93
N LEU A 495 11.86 -4.76 11.77
CA LEU A 495 11.82 -6.23 11.79
C LEU A 495 11.76 -6.82 10.39
N THR A 496 11.57 -6.00 9.36
CA THR A 496 11.26 -6.57 8.04
C THR A 496 12.42 -7.43 7.53
N GLY A 497 13.63 -6.97 7.74
CA GLY A 497 14.83 -7.65 7.21
C GLY A 497 15.09 -9.02 7.85
N LEU A 498 14.38 -9.40 8.91
CA LEU A 498 14.54 -10.76 9.45
C LEU A 498 13.84 -11.79 8.59
N LEU A 499 12.83 -11.38 7.82
CA LEU A 499 12.07 -12.37 7.06
C LEU A 499 12.86 -12.85 5.87
N PRO A 500 12.85 -14.14 5.54
CA PRO A 500 13.51 -14.60 4.31
C PRO A 500 12.95 -13.84 3.08
N ALA A 501 13.88 -13.63 2.13
CA ALA A 501 13.57 -12.98 0.88
C ALA A 501 12.65 -13.85 0.02
N GLY A 502 11.91 -13.18 -0.87
CA GLY A 502 11.14 -13.98 -1.83
C GLY A 502 9.85 -14.60 -1.34
N VAL A 503 9.42 -14.17 -0.18
CA VAL A 503 8.15 -14.59 0.38
C VAL A 503 7.03 -13.61 0.08
N LEU A 504 7.27 -12.35 0.38
CA LEU A 504 6.22 -11.32 0.19
C LEU A 504 6.36 -10.73 -1.20
N PRO A 505 5.22 -10.38 -1.83
CA PRO A 505 5.22 -9.93 -3.22
C PRO A 505 6.24 -8.89 -3.58
N SER A 506 6.41 -7.82 -2.77
CA SER A 506 7.30 -6.75 -3.12
C SER A 506 8.65 -6.81 -2.47
N LEU A 507 8.91 -7.90 -1.75
CA LEU A 507 10.14 -8.12 -0.97
C LEU A 507 10.96 -9.49 -1.12
N CYS B . -13.73 8.91 -17.10
CA CYS B . -15.08 9.43 -17.90
C CYS B . -14.52 10.57 -18.68
O CYS B . -14.26 10.38 -19.89
CB CYS B . -15.37 8.37 -18.92
SG CYS B . -17.06 8.23 -19.49
OXT CYS B . -14.18 11.63 -18.22
S SO4 C . -15.90 8.20 -20.92
O1 SO4 C . -17.25 8.54 -20.39
O2 SO4 C . -15.84 7.44 -22.16
O3 SO4 C . -15.21 9.52 -21.21
O4 SO4 C . -15.00 7.57 -19.90
C1 GOL D . -10.65 15.93 -24.28
O1 GOL D . -9.33 15.44 -23.91
C2 GOL D . -10.95 15.50 -25.74
O2 GOL D . -10.08 16.25 -26.61
C3 GOL D . -12.45 15.83 -26.07
O3 GOL D . -12.60 15.51 -27.46
#